data_8A1H
#
_entry.id   8A1H
#
_cell.length_a   199.687
_cell.length_b   199.687
_cell.length_c   76.996
_cell.angle_alpha   90.000
_cell.angle_beta   90.000
_cell.angle_gamma   120.000
#
_symmetry.space_group_name_H-M   'P 64 2 2'
#
loop_
_entity.id
_entity.type
_entity.pdbx_description
1 polymer '6-4 photolyase (FeS-BCP, CryPro)'
2 non-polymer 'FLAVIN-ADENINE DINUCLEOTIDE'
3 non-polymer 1-deoxy-1-(6,7-dimethyl-2,4-dioxo-3,4-dihydropteridin-8(2H)-yl)-D-ribitol
4 non-polymer 'IRON/SULFUR CLUSTER'
5 non-polymer '4-(2-HYDROXYETHYL)-1-PIPERAZINE ETHANESULFONIC ACID'
6 non-polymer GLYCEROL
7 non-polymer 'SULFATE ION'
8 non-polymer 'SODIUM ION'
9 non-polymer 'CHLORIDE ION'
10 water water
#
_entity_poly.entity_id   1
_entity_poly.type   'polypeptide(L)'
_entity_poly.pdbx_seq_one_letter_code
;MGSSHHHHHHSSGLVPRGSHMRYSVVRLILGDQLNHAHSWFSEHRDDVLYLIAELHQEQEYVRHHIQKQCAFFAAMQAFA
DYLSAEGHHVWHLDLDASAQYNDLPDLIAQICQQVQADAFQYQRPDEYRLLEQMANLRLSGITIGCVDTEHFLLPFAEIP
EQFPASKAVLMEHFYRRMRKRFGYLMTADGKPEGGQWNFDADNRNKLKSPDLLQLPTPLCFDNPVASIKARIERHRIPSI
GQVGESLLWPINRAQALSLLAHFCQICLPNFGRFQDAMTAQHPHRWSLYHSRLSFALNSKLLSPREVIEATISAYRAAQG
QISLAQVEGFVRQILGWREYVRGMYWSNMPHYQTRNHLGAQRPLPSYFWNGQTKMRCLQQAITQSLDFGYAHHIQRLMVT
GNFALLTECDPDQVDAWYLGIYIDAIEWVELPNTRGMALFADGGLIATKPYSASGSYINKMSDYCASCAYQVKLKSGEKA
CPLNSLYWRFMLKHRDRLANNPRIGMLYKTWDKMTSDSQQAILSTADAYLSQIESL
;
_entity_poly.pdbx_strand_id   A
#
# COMPACT_ATOMS: atom_id res chain seq x y z
N MET A 21 -19.22 36.93 -4.23
CA MET A 21 -19.49 37.03 -5.67
C MET A 21 -18.21 37.11 -6.51
N ARG A 22 -17.36 36.07 -6.50
CA ARG A 22 -15.98 36.33 -6.82
C ARG A 22 -15.25 35.36 -7.76
N TYR A 23 -15.70 34.11 -8.02
CA TYR A 23 -14.98 33.23 -8.93
C TYR A 23 -15.95 32.50 -9.84
N SER A 24 -15.58 32.35 -11.12
CA SER A 24 -16.44 31.64 -12.06
CA SER A 24 -16.45 31.64 -12.06
C SER A 24 -16.34 30.13 -11.89
N VAL A 25 -15.17 29.62 -11.52
CA VAL A 25 -14.91 28.19 -11.47
C VAL A 25 -14.31 27.86 -10.10
N VAL A 26 -14.83 26.83 -9.47
CA VAL A 26 -14.25 26.27 -8.26
C VAL A 26 -13.72 24.89 -8.61
N ARG A 27 -12.49 24.61 -8.19
CA ARG A 27 -11.86 23.32 -8.46
C ARG A 27 -11.39 22.68 -7.16
N LEU A 28 -11.83 21.44 -6.91
CA LEU A 28 -11.43 20.71 -5.73
C LEU A 28 -10.15 19.93 -5.98
N ILE A 29 -9.27 19.93 -4.97
CA ILE A 29 -8.08 19.05 -4.91
C ILE A 29 -8.24 18.17 -3.67
N LEU A 30 -8.32 16.86 -3.88
CA LEU A 30 -8.35 15.92 -2.73
C LEU A 30 -6.93 15.64 -2.26
N GLY A 31 -6.86 15.07 -1.06
CA GLY A 31 -5.60 14.91 -0.38
C GLY A 31 -4.61 13.98 -1.06
N ASP A 32 -5.06 13.09 -1.94
CA ASP A 32 -4.18 12.24 -2.73
C ASP A 32 -4.07 12.73 -4.17
N GLN A 33 -4.28 14.05 -4.38
CA GLN A 33 -4.24 14.62 -5.72
C GLN A 33 -3.22 15.72 -5.81
N LEU A 34 -2.05 15.50 -5.23
CA LEU A 34 -1.01 16.52 -5.04
C LEU A 34 0.01 16.53 -6.19
N ASN A 35 -0.52 16.36 -7.43
CA ASN A 35 0.28 16.36 -8.65
C ASN A 35 0.59 17.79 -9.06
N HIS A 36 1.85 18.18 -8.85
CA HIS A 36 2.29 19.57 -9.14
C HIS A 36 2.29 19.86 -10.64
N ALA A 37 2.30 18.83 -11.47
CA ALA A 37 2.38 18.96 -12.94
C ALA A 37 1.00 18.88 -13.60
N HIS A 38 -0.06 18.83 -12.82
CA HIS A 38 -1.40 18.71 -13.38
C HIS A 38 -1.68 19.88 -14.35
N SER A 39 -2.32 19.56 -15.49
CA SER A 39 -2.61 20.59 -16.50
C SER A 39 -3.46 21.75 -15.98
N TRP A 40 -4.24 21.57 -14.93
CA TRP A 40 -4.94 22.72 -14.33
C TRP A 40 -4.00 23.87 -14.09
N PHE A 41 -2.78 23.56 -13.63
CA PHE A 41 -1.84 24.58 -13.17
C PHE A 41 -0.94 25.10 -14.27
N SER A 42 -1.21 24.69 -15.52
CA SER A 42 -0.39 25.16 -16.63
C SER A 42 -0.78 26.55 -17.09
N GLU A 43 -1.86 27.08 -16.57
CA GLU A 43 -2.24 28.46 -16.83
C GLU A 43 -2.62 29.12 -15.50
N HIS A 44 -2.49 30.43 -15.47
CA HIS A 44 -2.88 31.22 -14.32
CA HIS A 44 -2.86 31.24 -14.33
C HIS A 44 -4.20 31.88 -14.64
N ARG A 45 -5.17 31.63 -13.78
CA ARG A 45 -6.52 32.13 -14.01
C ARG A 45 -7.03 32.84 -12.78
N ASP A 46 -7.39 34.10 -12.92
CA ASP A 46 -7.91 34.80 -11.76
C ASP A 46 -9.36 34.48 -11.50
N ASP A 47 -10.01 33.74 -12.41
CA ASP A 47 -11.42 33.36 -12.25
C ASP A 47 -11.59 31.96 -11.72
N VAL A 48 -10.51 31.31 -11.27
CA VAL A 48 -10.56 29.94 -10.78
C VAL A 48 -10.09 29.93 -9.32
N LEU A 49 -10.89 29.31 -8.47
CA LEU A 49 -10.52 29.11 -7.07
C LEU A 49 -10.31 27.63 -6.81
N TYR A 50 -9.13 27.29 -6.30
CA TYR A 50 -8.83 25.92 -5.89
C TYR A 50 -9.15 25.75 -4.41
N LEU A 51 -9.75 24.60 -4.06
CA LEU A 51 -10.12 24.27 -2.68
C LEU A 51 -9.38 23.00 -2.29
N ILE A 52 -8.79 23.00 -1.11
CA ILE A 52 -8.21 21.77 -0.54
CA ILE A 52 -8.16 21.81 -0.51
C ILE A 52 -8.59 21.78 0.93
N ALA A 53 -9.02 20.59 1.45
CA ALA A 53 -9.64 20.60 2.78
C ALA A 53 -9.30 19.34 3.58
N GLU A 54 -8.94 19.58 4.85
CA GLU A 54 -9.03 18.53 5.88
C GLU A 54 -10.52 18.23 6.09
N LEU A 55 -10.88 16.96 6.03
CA LEU A 55 -12.29 16.58 6.02
C LEU A 55 -12.59 15.54 7.10
N HIS A 56 -13.53 15.89 7.98
CA HIS A 56 -13.99 14.87 8.95
C HIS A 56 -14.45 13.59 8.25
N GLN A 57 -15.17 13.70 7.13
CA GLN A 57 -15.68 12.49 6.50
C GLN A 57 -14.56 11.55 6.08
N GLU A 58 -13.39 12.10 5.73
CA GLU A 58 -12.27 11.26 5.30
C GLU A 58 -11.56 10.63 6.47
N GLN A 59 -11.90 11.01 7.72
CA GLN A 59 -11.41 10.33 8.91
C GLN A 59 -12.39 9.29 9.44
N GLU A 60 -13.57 9.20 8.87
CA GLU A 60 -14.64 8.38 9.40
C GLU A 60 -14.86 7.09 8.65
N TYR A 61 -14.30 6.94 7.42
CA TYR A 61 -14.59 5.72 6.66
C TYR A 61 -13.70 4.56 7.05
N VAL A 62 -12.60 4.88 7.75
CA VAL A 62 -11.70 3.88 8.33
C VAL A 62 -10.94 4.64 9.42
N ARG A 63 -10.38 3.91 10.38
CA ARG A 63 -9.59 4.55 11.46
C ARG A 63 -8.13 4.57 11.04
N HIS A 64 -7.64 5.78 10.68
CA HIS A 64 -6.32 5.97 10.13
C HIS A 64 -5.26 6.02 11.20
N HIS A 65 -4.03 5.63 10.78
CA HIS A 65 -2.86 5.88 11.61
C HIS A 65 -2.69 7.40 11.83
N ILE A 66 -2.32 7.77 13.03
CA ILE A 66 -2.05 9.19 13.31
C ILE A 66 -0.98 9.73 12.38
N GLN A 67 0.04 8.91 12.03
CA GLN A 67 1.06 9.42 11.12
C GLN A 67 0.52 9.66 9.72
N LYS A 68 -0.47 8.88 9.30
CA LYS A 68 -1.11 9.07 8.00
C LYS A 68 -1.91 10.36 7.97
N GLN A 69 -2.65 10.62 9.04
CA GLN A 69 -3.36 11.91 9.13
C GLN A 69 -2.36 13.05 9.09
N CYS A 70 -1.30 12.96 9.90
CA CYS A 70 -0.26 14.01 9.89
C CYS A 70 0.37 14.18 8.52
N ALA A 71 0.70 13.10 7.81
CA ALA A 71 1.34 13.19 6.51
C ALA A 71 0.42 13.83 5.49
N PHE A 72 -0.83 13.38 5.40
CA PHE A 72 -1.73 14.02 4.45
C PHE A 72 -1.99 15.46 4.83
N PHE A 73 -2.22 15.76 6.11
CA PHE A 73 -2.51 17.15 6.46
C PHE A 73 -1.32 18.04 6.16
N ALA A 74 -0.12 17.60 6.50
CA ALA A 74 1.06 18.40 6.20
C ALA A 74 1.23 18.59 4.70
N ALA A 75 1.01 17.52 3.92
CA ALA A 75 1.23 17.58 2.47
C ALA A 75 0.17 18.44 1.78
N MET A 76 -1.07 18.39 2.28
CA MET A 76 -2.11 19.24 1.69
CA MET A 76 -2.11 19.24 1.68
C MET A 76 -1.80 20.72 1.89
N GLN A 77 -1.30 21.07 3.09
CA GLN A 77 -0.92 22.47 3.34
C GLN A 77 0.30 22.85 2.49
N ALA A 78 1.28 21.97 2.39
CA ALA A 78 2.44 22.27 1.58
C ALA A 78 2.09 22.43 0.12
N PHE A 79 1.14 21.65 -0.40
CA PHE A 79 0.73 21.83 -1.78
C PHE A 79 -0.01 23.12 -1.97
N ALA A 80 -0.89 23.49 -1.03
CA ALA A 80 -1.54 24.78 -1.09
C ALA A 80 -0.51 25.89 -1.12
N ASP A 81 0.55 25.76 -0.32
CA ASP A 81 1.59 26.80 -0.33
C ASP A 81 2.31 26.88 -1.68
N TYR A 82 2.58 25.73 -2.28
CA TYR A 82 3.21 25.72 -3.59
C TYR A 82 2.33 26.40 -4.62
N LEU A 83 1.04 26.06 -4.63
CA LEU A 83 0.13 26.63 -5.61
C LEU A 83 0.00 28.13 -5.44
N SER A 84 -0.09 28.58 -4.19
CA SER A 84 -0.21 30.02 -3.93
CA SER A 84 -0.21 30.02 -3.93
C SER A 84 1.05 30.74 -4.38
N ALA A 85 2.21 30.18 -4.05
CA ALA A 85 3.47 30.81 -4.51
C ALA A 85 3.52 30.95 -6.02
N GLU A 86 2.93 29.96 -6.73
CA GLU A 86 2.84 29.97 -8.19
C GLU A 86 1.76 30.87 -8.74
N GLY A 87 1.02 31.59 -7.88
CA GLY A 87 0.08 32.58 -8.34
C GLY A 87 -1.35 32.09 -8.48
N HIS A 88 -1.63 30.86 -8.15
CA HIS A 88 -3.01 30.36 -8.18
C HIS A 88 -3.77 30.79 -6.92
N HIS A 89 -5.09 31.06 -7.09
CA HIS A 89 -5.94 31.36 -5.98
C HIS A 89 -6.34 30.06 -5.31
N VAL A 90 -6.02 29.90 -4.03
CA VAL A 90 -6.26 28.64 -3.34
CA VAL A 90 -6.23 28.64 -3.32
C VAL A 90 -6.73 28.93 -1.92
N TRP A 91 -7.78 28.21 -1.51
N TRP A 91 -7.71 28.15 -1.47
CA TRP A 91 -8.22 28.20 -0.12
CA TRP A 91 -8.22 28.23 -0.11
C TRP A 91 -7.90 26.81 0.42
C TRP A 91 -8.04 26.86 0.53
N HIS A 92 -7.11 26.78 1.47
CA HIS A 92 -6.88 25.54 2.25
C HIS A 92 -7.71 25.63 3.50
N LEU A 93 -8.62 24.68 3.69
CA LEU A 93 -9.48 24.65 4.87
C LEU A 93 -8.99 23.55 5.81
N ASP A 94 -8.55 23.93 7.01
CA ASP A 94 -8.22 22.92 8.01
C ASP A 94 -9.48 22.50 8.73
N LEU A 95 -9.36 21.51 9.65
CA LEU A 95 -10.55 20.99 10.29
C LEU A 95 -11.36 22.06 11.01
N ASP A 96 -10.71 23.08 11.59
CA ASP A 96 -11.46 24.13 12.26
C ASP A 96 -12.38 24.85 11.28
N ALA A 97 -11.93 25.03 10.03
CA ALA A 97 -12.75 25.70 9.02
C ALA A 97 -13.77 24.74 8.40
N SER A 98 -13.37 23.51 8.10
CA SER A 98 -14.25 22.60 7.40
C SER A 98 -15.34 22.06 8.31
N ALA A 99 -15.15 22.12 9.62
CA ALA A 99 -16.16 21.60 10.55
C ALA A 99 -17.45 22.41 10.50
N GLN A 100 -17.44 23.58 9.86
CA GLN A 100 -18.68 24.36 9.67
C GLN A 100 -19.66 23.70 8.70
N TYR A 101 -19.21 22.76 7.89
CA TYR A 101 -19.98 22.13 6.84
C TYR A 101 -20.32 20.70 7.25
N ASN A 102 -21.44 20.19 6.72
CA ASN A 102 -21.89 18.86 7.13
C ASN A 102 -21.01 17.72 6.63
N ASP A 103 -20.43 17.88 5.43
CA ASP A 103 -19.68 16.85 4.72
C ASP A 103 -19.09 17.54 3.47
N LEU A 104 -18.37 16.78 2.66
CA LEU A 104 -17.70 17.38 1.49
C LEU A 104 -18.72 17.97 0.52
N PRO A 105 -19.81 17.30 0.17
CA PRO A 105 -20.83 17.95 -0.71
C PRO A 105 -21.35 19.27 -0.20
N ASP A 106 -21.61 19.38 1.11
CA ASP A 106 -22.10 20.63 1.67
C ASP A 106 -21.03 21.72 1.57
N LEU A 107 -19.78 21.35 1.85
CA LEU A 107 -18.69 22.32 1.73
C LEU A 107 -18.61 22.86 0.31
N ILE A 108 -18.68 21.97 -0.67
CA ILE A 108 -18.60 22.39 -2.08
C ILE A 108 -19.75 23.29 -2.42
N ALA A 109 -20.98 22.87 -2.06
CA ALA A 109 -22.14 23.63 -2.46
C ALA A 109 -22.11 25.03 -1.83
N GLN A 110 -21.76 25.12 -0.54
CA GLN A 110 -21.80 26.42 0.12
C GLN A 110 -20.73 27.34 -0.43
N ILE A 111 -19.52 26.81 -0.70
CA ILE A 111 -18.46 27.68 -1.21
C ILE A 111 -18.77 28.13 -2.62
N CYS A 112 -19.28 27.23 -3.46
CA CYS A 112 -19.71 27.64 -4.79
C CYS A 112 -20.76 28.72 -4.74
N GLN A 113 -21.70 28.63 -3.80
CA GLN A 113 -22.69 29.71 -3.68
C GLN A 113 -22.05 31.00 -3.18
N GLN A 114 -21.15 30.88 -2.23
CA GLN A 114 -20.49 32.05 -1.66
C GLN A 114 -19.77 32.88 -2.72
N VAL A 115 -19.03 32.22 -3.63
CA VAL A 115 -18.24 32.92 -4.63
C VAL A 115 -18.98 33.06 -5.97
N GLN A 116 -20.25 32.64 -6.01
CA GLN A 116 -21.09 32.78 -7.19
C GLN A 116 -20.49 32.10 -8.41
N ALA A 117 -20.01 30.86 -8.19
CA ALA A 117 -19.45 30.07 -9.26
C ALA A 117 -20.51 29.61 -10.28
N ASP A 118 -20.09 29.54 -11.53
CA ASP A 118 -20.86 28.98 -12.62
C ASP A 118 -20.50 27.53 -12.86
N ALA A 119 -19.32 27.10 -12.38
CA ALA A 119 -18.78 25.80 -12.72
C ALA A 119 -17.99 25.25 -11.53
N PHE A 120 -18.07 23.94 -11.36
CA PHE A 120 -17.33 23.20 -10.35
C PHE A 120 -16.64 22.01 -11.04
N GLN A 121 -15.36 21.82 -10.83
CA GLN A 121 -14.63 20.73 -11.40
C GLN A 121 -13.80 20.04 -10.33
N TYR A 122 -13.62 18.73 -10.52
CA TYR A 122 -12.85 17.93 -9.61
C TYR A 122 -12.06 16.91 -10.40
N GLN A 123 -11.05 16.35 -9.76
CA GLN A 123 -10.25 15.28 -10.32
C GLN A 123 -10.84 13.96 -9.86
N ARG A 124 -10.95 13.01 -10.76
CA ARG A 124 -11.56 11.71 -10.42
C ARG A 124 -10.90 11.10 -9.19
N PRO A 125 -11.68 10.72 -8.15
CA PRO A 125 -11.05 10.12 -6.97
C PRO A 125 -10.57 8.72 -7.23
N ASP A 126 -9.76 8.23 -6.27
CA ASP A 126 -9.13 6.91 -6.37
C ASP A 126 -9.68 5.92 -5.35
N GLU A 127 -10.89 6.17 -4.83
CA GLU A 127 -11.64 5.14 -4.13
C GLU A 127 -13.08 5.19 -4.64
N TYR A 128 -13.68 4.01 -4.75
CA TYR A 128 -15.02 3.86 -5.28
C TYR A 128 -16.02 4.72 -4.47
N ARG A 129 -15.88 4.69 -3.15
CA ARG A 129 -16.79 5.47 -2.29
C ARG A 129 -16.80 6.94 -2.68
N LEU A 130 -15.62 7.51 -2.83
CA LEU A 130 -15.53 8.95 -3.14
C LEU A 130 -15.84 9.28 -4.57
N LEU A 131 -15.47 8.40 -5.53
CA LEU A 131 -15.89 8.61 -6.91
C LEU A 131 -17.41 8.64 -7.00
N GLU A 132 -18.06 7.74 -6.29
CA GLU A 132 -19.52 7.70 -6.27
C GLU A 132 -20.15 8.93 -5.59
N GLN A 133 -19.57 9.36 -4.48
CA GLN A 133 -20.10 10.54 -3.82
C GLN A 133 -20.02 11.78 -4.76
N MET A 134 -18.87 11.96 -5.39
CA MET A 134 -18.71 13.11 -6.28
C MET A 134 -19.53 12.99 -7.53
N ALA A 135 -19.68 11.78 -8.07
CA ALA A 135 -20.51 11.58 -9.26
C ALA A 135 -21.96 11.90 -9.04
N ASN A 136 -22.44 11.82 -7.80
CA ASN A 136 -23.81 12.05 -7.47
C ASN A 136 -24.07 13.46 -6.95
N LEU A 137 -23.03 14.30 -6.92
CA LEU A 137 -23.19 15.69 -6.54
C LEU A 137 -23.97 16.44 -7.61
N ARG A 138 -24.92 17.25 -7.16
CA ARG A 138 -25.70 18.12 -8.04
C ARG A 138 -25.69 19.51 -7.40
N LEU A 139 -25.39 20.52 -8.20
CA LEU A 139 -25.25 21.89 -7.71
C LEU A 139 -26.14 22.78 -8.52
N SER A 140 -27.00 23.54 -7.84
CA SER A 140 -28.03 24.31 -8.54
C SER A 140 -27.39 25.41 -9.38
N GLY A 141 -27.66 25.37 -10.68
CA GLY A 141 -27.14 26.37 -11.59
C GLY A 141 -25.69 26.26 -11.97
N ILE A 142 -25.04 25.14 -11.64
CA ILE A 142 -23.60 25.00 -11.76
C ILE A 142 -23.28 23.76 -12.58
N THR A 143 -22.43 23.92 -13.58
CA THR A 143 -21.97 22.82 -14.41
CA THR A 143 -21.98 22.81 -14.40
C THR A 143 -20.84 22.09 -13.69
N ILE A 144 -20.90 20.77 -13.65
CA ILE A 144 -19.88 19.95 -12.97
C ILE A 144 -19.09 19.19 -14.01
N GLY A 145 -17.79 19.24 -13.92
CA GLY A 145 -16.91 18.38 -14.70
C GLY A 145 -15.92 17.61 -13.85
N CYS A 146 -15.55 16.44 -14.36
CA CYS A 146 -14.59 15.53 -13.75
C CYS A 146 -13.43 15.32 -14.72
N VAL A 147 -12.20 15.53 -14.23
CA VAL A 147 -11.01 15.37 -15.05
C VAL A 147 -10.11 14.30 -14.45
N ASP A 148 -9.19 13.79 -15.28
CA ASP A 148 -8.23 12.81 -14.80
C ASP A 148 -7.19 13.43 -13.83
N THR A 149 -6.62 12.58 -12.98
CA THR A 149 -5.57 12.97 -12.06
C THR A 149 -4.20 13.09 -12.72
N GLU A 150 -4.07 12.63 -13.97
CA GLU A 150 -2.86 12.82 -14.77
C GLU A 150 -1.63 12.22 -14.13
N HIS A 151 -1.79 11.00 -13.61
CA HIS A 151 -0.77 10.36 -12.79
C HIS A 151 -0.46 8.94 -13.18
N PHE A 152 -1.47 8.09 -13.34
CA PHE A 152 -1.20 6.67 -13.60
C PHE A 152 -0.72 6.47 -15.04
N LEU A 153 0.05 5.39 -15.23
CA LEU A 153 0.50 5.09 -16.59
C LEU A 153 -0.60 4.61 -17.51
N LEU A 154 -1.50 3.76 -17.01
CA LEU A 154 -2.60 3.25 -17.81
C LEU A 154 -3.77 4.24 -17.79
N PRO A 155 -4.19 4.76 -18.92
CA PRO A 155 -5.37 5.65 -18.91
C PRO A 155 -6.58 4.93 -18.36
N PHE A 156 -7.32 5.65 -17.48
CA PHE A 156 -8.51 5.08 -16.85
C PHE A 156 -9.47 4.51 -17.87
N ALA A 157 -9.65 5.19 -19.00
CA ALA A 157 -10.63 4.74 -19.99
C ALA A 157 -10.27 3.40 -20.64
N GLU A 158 -9.03 2.95 -20.51
CA GLU A 158 -8.62 1.67 -21.06
C GLU A 158 -8.83 0.52 -20.10
N ILE A 159 -9.22 0.80 -18.85
CA ILE A 159 -9.35 -0.29 -17.87
C ILE A 159 -10.35 -1.36 -18.34
N PRO A 160 -11.51 -1.00 -18.88
CA PRO A 160 -12.49 -2.05 -19.26
C PRO A 160 -11.96 -3.01 -20.30
N GLU A 161 -11.12 -2.55 -21.22
CA GLU A 161 -10.61 -3.43 -22.26
C GLU A 161 -9.44 -4.24 -21.73
N GLN A 162 -8.58 -3.63 -20.91
CA GLN A 162 -7.44 -4.34 -20.36
C GLN A 162 -7.86 -5.33 -19.27
N PHE A 163 -8.96 -5.06 -18.57
CA PHE A 163 -9.39 -5.83 -17.40
C PHE A 163 -10.88 -6.13 -17.48
N PRO A 164 -11.27 -7.13 -18.30
CA PRO A 164 -12.65 -7.57 -18.29
C PRO A 164 -13.09 -7.97 -16.88
N ALA A 165 -14.29 -7.56 -16.50
CA ALA A 165 -14.82 -7.82 -15.16
C ALA A 165 -14.86 -9.32 -14.88
N SER A 166 -14.50 -9.71 -13.66
CA SER A 166 -14.55 -11.09 -13.15
C SER A 166 -13.63 -12.04 -13.94
N LYS A 167 -12.68 -11.49 -14.64
CA LYS A 167 -11.68 -12.26 -15.38
C LYS A 167 -10.38 -12.24 -14.59
N ALA A 168 -9.77 -13.43 -14.41
CA ALA A 168 -8.45 -13.51 -13.75
C ALA A 168 -7.32 -13.15 -14.71
N VAL A 169 -7.25 -11.86 -15.08
CA VAL A 169 -6.16 -11.35 -15.90
C VAL A 169 -4.84 -11.64 -15.24
N LEU A 170 -3.88 -12.21 -16.00
CA LEU A 170 -2.62 -12.51 -15.37
C LEU A 170 -1.75 -11.27 -15.29
N MET A 171 -1.31 -10.92 -14.07
CA MET A 171 -0.44 -9.79 -13.88
CA MET A 171 -0.42 -9.78 -13.88
C MET A 171 0.77 -9.89 -14.80
N GLU A 172 1.36 -11.09 -14.93
CA GLU A 172 2.62 -11.18 -15.71
C GLU A 172 2.39 -10.80 -17.15
N HIS A 173 1.23 -11.16 -17.72
CA HIS A 173 0.95 -10.83 -19.11
C HIS A 173 0.69 -9.33 -19.27
N PHE A 174 -0.01 -8.74 -18.33
CA PHE A 174 -0.24 -7.29 -18.32
C PHE A 174 1.07 -6.54 -18.20
N TYR A 175 1.94 -7.03 -17.33
CA TYR A 175 3.25 -6.39 -17.15
C TYR A 175 4.08 -6.41 -18.41
N ARG A 176 4.11 -7.54 -19.12
CA ARG A 176 4.85 -7.61 -20.37
C ARG A 176 4.29 -6.65 -21.39
N ARG A 177 2.96 -6.53 -21.46
CA ARG A 177 2.36 -5.56 -22.37
C ARG A 177 2.77 -4.13 -21.99
N MET A 178 2.81 -3.82 -20.70
CA MET A 178 3.19 -2.50 -20.26
C MET A 178 4.66 -2.22 -20.55
N ARG A 179 5.52 -3.24 -20.34
CA ARG A 179 6.93 -3.08 -20.70
C ARG A 179 7.07 -2.68 -22.17
N LYS A 180 6.38 -3.37 -23.05
CA LYS A 180 6.48 -3.10 -24.49
C LYS A 180 5.90 -1.74 -24.82
N ARG A 181 4.76 -1.38 -24.19
CA ARG A 181 4.10 -0.13 -24.52
C ARG A 181 4.94 1.07 -24.16
N PHE A 182 5.59 1.04 -22.97
CA PHE A 182 6.35 2.18 -22.52
C PHE A 182 7.82 2.09 -22.85
N GLY A 183 8.32 0.95 -23.29
CA GLY A 183 9.68 0.79 -23.69
C GLY A 183 10.69 0.59 -22.59
N TYR A 184 10.23 0.33 -21.40
CA TYR A 184 11.14 0.25 -20.25
C TYR A 184 11.85 -1.10 -20.23
N LEU A 185 13.18 -1.08 -20.15
CA LEU A 185 14.01 -2.29 -20.08
C LEU A 185 13.74 -3.17 -21.27
N MET A 186 13.63 -2.57 -22.45
CA MET A 186 13.43 -3.27 -23.70
C MET A 186 14.59 -3.08 -24.66
N THR A 187 14.87 -4.10 -25.44
CA THR A 187 15.91 -4.00 -26.45
C THR A 187 15.38 -3.28 -27.65
N ALA A 188 16.38 -2.86 -28.48
CA ALA A 188 16.05 -2.19 -29.71
C ALA A 188 15.11 -3.00 -30.58
N ASP A 189 15.20 -4.35 -30.57
CA ASP A 189 14.28 -5.16 -31.33
C ASP A 189 13.08 -5.72 -30.57
N GLY A 190 12.70 -5.15 -29.44
CA GLY A 190 11.43 -5.50 -28.81
C GLY A 190 11.43 -6.69 -27.85
N LYS A 191 12.55 -7.04 -27.33
CA LYS A 191 12.74 -8.17 -26.41
C LYS A 191 13.08 -7.64 -25.03
N PRO A 192 12.82 -8.41 -23.96
CA PRO A 192 13.17 -7.94 -22.64
C PRO A 192 14.69 -7.91 -22.44
N GLU A 193 15.16 -6.78 -21.89
CA GLU A 193 16.56 -6.64 -21.56
C GLU A 193 16.98 -7.76 -20.62
N GLY A 194 18.11 -8.39 -20.89
CA GLY A 194 18.64 -9.43 -20.06
C GLY A 194 18.17 -10.83 -20.33
N GLY A 195 17.33 -11.05 -21.35
CA GLY A 195 17.03 -12.38 -21.81
C GLY A 195 15.83 -13.01 -21.12
N GLN A 196 15.19 -12.33 -20.21
CA GLN A 196 13.97 -12.82 -19.55
C GLN A 196 13.20 -11.61 -19.08
N TRP A 197 11.89 -11.80 -18.92
CA TRP A 197 11.06 -10.71 -18.50
C TRP A 197 11.19 -10.37 -17.03
N ASN A 198 11.39 -11.37 -16.19
CA ASN A 198 11.18 -11.22 -14.75
C ASN A 198 12.36 -11.88 -14.04
N PHE A 199 13.07 -11.06 -13.22
CA PHE A 199 14.27 -11.49 -12.53
C PHE A 199 13.99 -11.89 -11.07
N ASP A 200 12.73 -12.12 -10.72
CA ASP A 200 12.40 -12.36 -9.30
C ASP A 200 13.17 -13.49 -8.67
N ALA A 201 13.54 -14.55 -9.45
CA ALA A 201 14.23 -15.65 -8.85
C ALA A 201 15.61 -15.32 -8.32
N ASP A 202 16.20 -14.19 -8.78
CA ASP A 202 17.48 -13.73 -8.33
C ASP A 202 17.35 -12.84 -7.08
N ASN A 203 16.11 -12.50 -6.66
CA ASN A 203 15.82 -11.47 -5.69
C ASN A 203 15.24 -12.06 -4.40
N ARG A 204 15.88 -13.17 -3.92
CA ARG A 204 15.32 -13.89 -2.79
C ARG A 204 16.39 -14.22 -1.74
N ASN A 205 17.36 -13.35 -1.54
CA ASN A 205 18.40 -13.54 -0.53
C ASN A 205 17.92 -13.12 0.88
N LYS A 206 18.40 -13.87 1.91
CA LYS A 206 18.30 -13.42 3.30
C LYS A 206 19.52 -12.58 3.67
N LEU A 207 19.33 -11.64 4.62
CA LEU A 207 20.45 -10.84 5.13
C LEU A 207 21.29 -11.67 6.08
N LYS A 208 22.55 -11.87 5.74
CA LYS A 208 23.51 -12.52 6.63
C LYS A 208 24.18 -11.46 7.49
N SER A 209 24.93 -11.92 8.54
CA SER A 209 25.55 -10.93 9.42
C SER A 209 26.37 -9.87 8.73
N PRO A 210 27.25 -10.19 7.75
CA PRO A 210 27.98 -9.08 7.11
C PRO A 210 27.07 -8.11 6.37
N ASP A 211 25.93 -8.59 5.85
CA ASP A 211 24.99 -7.72 5.21
C ASP A 211 24.35 -6.76 6.21
N LEU A 212 24.04 -7.25 7.41
CA LEU A 212 23.41 -6.38 8.39
C LEU A 212 24.33 -5.24 8.78
N LEU A 213 25.65 -5.49 8.91
CA LEU A 213 26.56 -4.44 9.31
C LEU A 213 26.67 -3.36 8.24
N GLN A 214 26.34 -3.69 7.01
CA GLN A 214 26.41 -2.74 5.89
CA GLN A 214 26.40 -2.75 5.88
C GLN A 214 25.09 -2.03 5.60
N LEU A 215 24.04 -2.25 6.37
CA LEU A 215 22.76 -1.62 6.03
C LEU A 215 22.84 -0.11 6.14
N PRO A 216 22.29 0.61 5.17
CA PRO A 216 22.37 2.07 5.16
C PRO A 216 21.34 2.70 6.10
N THR A 217 21.64 3.94 6.51
CA THR A 217 20.70 4.72 7.32
C THR A 217 19.57 5.24 6.47
N PRO A 218 18.33 4.99 6.86
CA PRO A 218 17.20 5.49 6.04
C PRO A 218 17.11 6.99 6.12
N LEU A 219 16.66 7.58 5.01
CA LEU A 219 16.51 9.03 4.94
C LEU A 219 15.21 9.43 5.64
N CYS A 220 15.37 10.14 6.78
CA CYS A 220 14.24 10.55 7.61
C CYS A 220 14.21 12.09 7.63
N PHE A 221 13.04 12.65 7.40
CA PHE A 221 12.86 14.09 7.46
C PHE A 221 12.46 14.48 8.86
N ASP A 222 12.52 15.79 9.13
CA ASP A 222 12.16 16.31 10.46
C ASP A 222 10.99 17.27 10.27
N ASN A 223 9.81 16.72 10.15
CA ASN A 223 8.60 17.54 9.95
C ASN A 223 7.83 17.67 11.24
N PRO A 224 7.83 18.84 11.88
CA PRO A 224 7.14 18.95 13.17
C PRO A 224 5.64 18.83 12.98
N VAL A 225 5.00 18.08 13.87
CA VAL A 225 3.57 17.83 13.73
C VAL A 225 2.73 18.12 14.99
N ALA A 226 3.29 18.74 16.01
CA ALA A 226 2.52 18.99 17.25
C ALA A 226 1.23 19.74 16.96
N SER A 227 1.25 20.79 16.13
CA SER A 227 0.02 21.56 15.93
CA SER A 227 0.02 21.56 15.93
C SER A 227 -1.02 20.75 15.16
N ILE A 228 -0.58 19.94 14.20
CA ILE A 228 -1.52 19.08 13.47
C ILE A 228 -2.16 18.09 14.40
N LYS A 229 -1.32 17.43 15.23
CA LYS A 229 -1.87 16.48 16.22
C LYS A 229 -2.86 17.14 17.16
N ALA A 230 -2.55 18.37 17.60
CA ALA A 230 -3.44 19.04 18.52
C ALA A 230 -4.77 19.36 17.84
N ARG A 231 -4.73 19.68 16.54
CA ARG A 231 -5.97 19.97 15.83
C ARG A 231 -6.82 18.70 15.66
N ILE A 232 -6.19 17.61 15.30
CA ILE A 232 -6.87 16.32 15.21
C ILE A 232 -7.52 15.99 16.54
N GLU A 233 -6.78 16.19 17.62
CA GLU A 233 -7.32 15.85 18.97
C GLU A 233 -8.47 16.75 19.34
N ARG A 234 -8.36 18.06 19.07
CA ARG A 234 -9.40 19.00 19.39
C ARG A 234 -10.71 18.62 18.71
N HIS A 235 -10.64 17.99 17.52
CA HIS A 235 -11.82 17.55 16.80
C HIS A 235 -12.23 16.13 17.13
N ARG A 236 -11.62 15.53 18.15
CA ARG A 236 -11.95 14.19 18.63
C ARG A 236 -11.95 13.18 17.48
N ILE A 237 -11.00 13.34 16.57
CA ILE A 237 -10.81 12.45 15.43
C ILE A 237 -10.15 11.16 15.93
N PRO A 238 -10.68 10.00 15.64
CA PRO A 238 -10.01 8.76 16.05
C PRO A 238 -8.81 8.43 15.17
N SER A 239 -7.82 7.80 15.81
CA SER A 239 -6.61 7.37 15.12
CA SER A 239 -6.66 7.31 15.08
C SER A 239 -6.11 6.07 15.75
N ILE A 240 -5.15 5.46 15.08
CA ILE A 240 -4.41 4.32 15.62
C ILE A 240 -2.92 4.62 15.52
N GLY A 241 -2.12 3.78 16.23
CA GLY A 241 -0.68 3.97 16.14
C GLY A 241 -0.17 5.14 16.97
N GLN A 242 1.13 5.41 16.81
CA GLN A 242 1.82 6.43 17.58
CA GLN A 242 1.82 6.43 17.59
C GLN A 242 2.63 7.34 16.69
N VAL A 243 2.90 8.55 17.24
CA VAL A 243 3.91 9.44 16.62
C VAL A 243 4.41 10.35 17.75
N GLY A 244 5.67 10.77 17.60
CA GLY A 244 6.25 11.75 18.51
C GLY A 244 6.04 13.16 18.00
N GLU A 245 7.04 14.00 18.20
CA GLU A 245 6.90 15.43 17.85
C GLU A 245 7.20 15.68 16.39
N SER A 246 7.86 14.75 15.74
CA SER A 246 8.36 14.92 14.37
C SER A 246 7.98 13.72 13.51
N LEU A 247 7.58 13.99 12.28
CA LEU A 247 7.20 12.99 11.31
C LEU A 247 8.34 12.78 10.34
N LEU A 248 8.75 11.51 10.12
CA LEU A 248 9.92 11.26 9.26
C LEU A 248 9.62 11.16 7.80
N TRP A 249 8.36 11.08 7.41
CA TRP A 249 7.90 10.84 6.08
C TRP A 249 7.99 12.12 5.25
N PRO A 250 8.18 12.02 3.94
CA PRO A 250 8.20 13.24 3.10
C PRO A 250 6.79 13.83 3.02
N ILE A 251 6.71 15.14 3.18
CA ILE A 251 5.40 15.84 3.12
C ILE A 251 5.31 16.85 2.02
N ASN A 252 6.34 17.01 1.20
CA ASN A 252 6.25 17.87 0.03
C ASN A 252 7.05 17.24 -1.11
N ARG A 253 6.91 17.84 -2.29
CA ARG A 253 7.54 17.24 -3.45
C ARG A 253 9.06 17.24 -3.35
N ALA A 254 9.65 18.27 -2.75
CA ALA A 254 11.11 18.28 -2.60
C ALA A 254 11.58 17.13 -1.74
N GLN A 255 10.89 16.91 -0.60
CA GLN A 255 11.29 15.79 0.25
C GLN A 255 11.11 14.47 -0.49
N ALA A 256 9.98 14.32 -1.24
CA ALA A 256 9.78 13.11 -2.01
C ALA A 256 10.90 12.90 -3.02
N LEU A 257 11.31 13.96 -3.74
CA LEU A 257 12.41 13.85 -4.69
C LEU A 257 13.71 13.50 -3.98
N SER A 258 13.95 14.05 -2.80
CA SER A 258 15.14 13.69 -2.03
C SER A 258 15.15 12.23 -1.64
N LEU A 259 13.99 11.69 -1.25
CA LEU A 259 13.86 10.25 -0.98
C LEU A 259 14.12 9.43 -2.22
N LEU A 260 13.58 9.85 -3.36
CA LEU A 260 13.85 9.15 -4.60
C LEU A 260 15.34 9.13 -4.91
N ALA A 261 16.03 10.26 -4.73
CA ALA A 261 17.47 10.33 -4.99
C ALA A 261 18.25 9.44 -4.04
N HIS A 262 17.87 9.43 -2.77
CA HIS A 262 18.46 8.58 -1.76
C HIS A 262 18.29 7.12 -2.17
N PHE A 263 17.10 6.76 -2.57
CA PHE A 263 16.84 5.39 -3.00
C PHE A 263 17.76 5.01 -4.17
N CYS A 264 17.82 5.87 -5.18
CA CYS A 264 18.62 5.55 -6.37
C CYS A 264 20.09 5.38 -6.05
N GLN A 265 20.61 6.21 -5.14
CA GLN A 265 22.05 6.19 -4.87
CA GLN A 265 22.04 6.20 -4.87
C GLN A 265 22.46 5.17 -3.85
N ILE A 266 21.66 4.96 -2.80
CA ILE A 266 22.08 4.22 -1.62
C ILE A 266 21.45 2.82 -1.59
N CYS A 267 20.20 2.67 -2.09
CA CYS A 267 19.42 1.46 -1.87
C CYS A 267 19.25 0.59 -3.12
N LEU A 268 19.03 1.20 -4.27
CA LEU A 268 18.78 0.47 -5.52
C LEU A 268 19.81 -0.59 -5.82
N PRO A 269 21.12 -0.45 -5.51
CA PRO A 269 22.04 -1.53 -5.81
C PRO A 269 21.73 -2.85 -5.12
N ASN A 270 20.98 -2.84 -4.02
CA ASN A 270 20.59 -4.05 -3.31
C ASN A 270 19.09 -4.22 -3.18
N PHE A 271 18.29 -3.46 -3.92
CA PHE A 271 16.84 -3.51 -3.73
C PHE A 271 16.27 -4.88 -4.04
N GLY A 272 16.64 -5.44 -5.18
CA GLY A 272 16.14 -6.75 -5.53
C GLY A 272 16.75 -7.83 -4.67
N ARG A 273 18.06 -7.77 -4.47
CA ARG A 273 18.78 -8.80 -3.76
C ARG A 273 18.08 -9.13 -2.42
N PHE A 274 17.72 -8.10 -1.68
CA PHE A 274 17.12 -8.28 -0.36
C PHE A 274 15.66 -7.89 -0.28
N GLN A 275 14.96 -7.97 -1.41
CA GLN A 275 13.57 -7.52 -1.49
C GLN A 275 12.66 -8.29 -0.53
N ASP A 276 12.95 -9.57 -0.28
CA ASP A 276 12.10 -10.44 0.55
C ASP A 276 12.69 -10.69 1.94
N ALA A 277 13.78 -10.06 2.30
CA ALA A 277 14.46 -10.27 3.57
C ALA A 277 13.77 -9.53 4.70
N MET A 278 13.87 -10.12 5.89
CA MET A 278 13.40 -9.50 7.12
C MET A 278 14.39 -9.76 8.23
N THR A 279 14.57 -8.76 9.11
CA THR A 279 15.46 -8.97 10.28
C THR A 279 14.83 -8.31 11.53
N ALA A 280 15.07 -8.95 12.68
CA ALA A 280 14.74 -8.39 13.98
C ALA A 280 15.93 -7.68 14.62
N GLN A 281 17.11 -7.80 14.02
CA GLN A 281 18.34 -7.35 14.72
C GLN A 281 18.63 -5.87 14.52
N HIS A 282 18.65 -5.44 13.31
CA HIS A 282 19.30 -4.16 13.00
C HIS A 282 18.40 -2.96 13.29
N PRO A 283 18.97 -1.84 13.72
CA PRO A 283 18.11 -0.66 13.97
C PRO A 283 17.33 -0.22 12.75
N HIS A 284 17.87 -0.39 11.56
CA HIS A 284 17.20 0.06 10.32
C HIS A 284 16.38 -1.01 9.69
N ARG A 285 16.00 -2.06 10.46
CA ARG A 285 15.24 -3.19 9.96
C ARG A 285 13.90 -2.82 9.37
N TRP A 286 13.34 -1.68 9.78
CA TRP A 286 12.01 -1.29 9.30
C TRP A 286 12.01 -0.83 7.88
N SER A 287 13.19 -0.42 7.33
CA SER A 287 13.30 0.12 5.99
C SER A 287 14.17 -0.71 5.04
N LEU A 288 15.29 -1.24 5.52
CA LEU A 288 16.22 -2.06 4.72
C LEU A 288 16.57 -1.31 3.44
N TYR A 289 16.44 -1.94 2.27
CA TYR A 289 16.73 -1.30 1.00
C TYR A 289 15.48 -0.89 0.25
N HIS A 290 14.34 -0.80 0.91
CA HIS A 290 13.12 -0.35 0.23
C HIS A 290 13.14 1.15 -0.03
N SER A 291 12.32 1.56 -1.01
CA SER A 291 12.32 2.95 -1.39
C SER A 291 11.50 3.83 -0.44
N ARG A 292 10.46 3.30 0.14
CA ARG A 292 9.50 4.04 0.95
C ARG A 292 8.86 5.18 0.17
N LEU A 293 8.73 5.02 -1.13
CA LEU A 293 8.11 6.01 -2.00
C LEU A 293 6.60 5.87 -2.11
N SER A 294 6.01 4.82 -1.52
CA SER A 294 4.58 4.55 -1.75
C SER A 294 3.65 5.69 -1.38
N PHE A 295 3.86 6.36 -0.24
CA PHE A 295 3.02 7.52 0.11
C PHE A 295 3.20 8.66 -0.89
N ALA A 296 4.45 8.94 -1.26
CA ALA A 296 4.72 9.99 -2.24
C ALA A 296 4.04 9.71 -3.57
N LEU A 297 4.02 8.44 -4.00
CA LEU A 297 3.34 8.05 -5.23
C LEU A 297 1.83 8.10 -5.06
N ASN A 298 1.30 7.52 -3.98
CA ASN A 298 -0.15 7.45 -3.86
C ASN A 298 -0.82 8.78 -3.57
N SER A 299 -0.09 9.73 -2.95
CA SER A 299 -0.56 11.10 -2.81
C SER A 299 -0.31 11.93 -4.05
N LYS A 300 0.44 11.41 -5.02
CA LYS A 300 0.75 11.97 -6.35
C LYS A 300 1.74 13.09 -6.29
N LEU A 301 2.44 13.23 -5.15
CA LEU A 301 3.62 14.09 -5.12
C LEU A 301 4.67 13.67 -6.16
N LEU A 302 4.83 12.38 -6.40
CA LEU A 302 5.62 11.84 -7.46
C LEU A 302 4.74 11.05 -8.42
N SER A 303 5.18 10.99 -9.69
CA SER A 303 4.50 10.16 -10.64
C SER A 303 5.22 8.83 -10.84
N PRO A 304 4.52 7.76 -11.23
CA PRO A 304 5.25 6.53 -11.52
C PRO A 304 6.17 6.63 -12.67
N ARG A 305 5.83 7.44 -13.71
CA ARG A 305 6.76 7.64 -14.80
C ARG A 305 8.09 8.20 -14.31
N GLU A 306 8.03 9.23 -13.46
CA GLU A 306 9.32 9.86 -13.10
C GLU A 306 10.11 8.96 -12.19
N VAL A 307 9.45 8.19 -11.34
CA VAL A 307 10.17 7.26 -10.47
C VAL A 307 10.82 6.16 -11.28
N ILE A 308 10.08 5.55 -12.18
CA ILE A 308 10.66 4.54 -13.10
C ILE A 308 11.82 5.13 -13.86
N GLU A 309 11.64 6.29 -14.49
CA GLU A 309 12.70 6.89 -15.30
C GLU A 309 13.93 7.19 -14.47
N ALA A 310 13.75 7.65 -13.25
CA ALA A 310 14.89 7.99 -12.39
C ALA A 310 15.68 6.75 -12.05
N THR A 311 14.99 5.67 -11.70
CA THR A 311 15.69 4.46 -11.33
C THR A 311 16.37 3.80 -12.53
N ILE A 312 15.76 3.84 -13.71
CA ILE A 312 16.44 3.30 -14.88
C ILE A 312 17.66 4.15 -15.22
N SER A 313 17.56 5.47 -15.12
CA SER A 313 18.70 6.35 -15.37
CA SER A 313 18.71 6.36 -15.37
C SER A 313 19.84 6.06 -14.39
N ALA A 314 19.50 5.83 -13.11
CA ALA A 314 20.55 5.54 -12.15
C ALA A 314 21.22 4.20 -12.48
N TYR A 315 20.42 3.22 -12.83
CA TYR A 315 20.93 1.94 -13.29
C TYR A 315 21.87 2.09 -14.47
N ARG A 316 21.51 2.87 -15.45
CA ARG A 316 22.37 2.94 -16.60
C ARG A 316 23.66 3.73 -16.29
N ALA A 317 23.62 4.64 -15.35
CA ALA A 317 24.79 5.43 -15.01
C ALA A 317 25.71 4.73 -14.05
N ALA A 318 25.25 3.63 -13.43
CA ALA A 318 26.05 2.94 -12.43
C ALA A 318 27.05 1.95 -12.98
N GLN A 319 27.08 1.78 -14.31
CA GLN A 319 28.12 1.01 -14.97
C GLN A 319 28.31 -0.38 -14.35
N GLY A 320 27.22 -1.03 -14.09
CA GLY A 320 27.29 -2.39 -13.57
C GLY A 320 27.07 -2.53 -12.07
N GLN A 321 27.20 -1.43 -11.32
CA GLN A 321 27.04 -1.54 -9.86
C GLN A 321 25.60 -1.70 -9.44
N ILE A 322 24.63 -1.39 -10.29
CA ILE A 322 23.22 -1.73 -10.12
C ILE A 322 22.92 -2.84 -11.13
N SER A 323 22.73 -4.08 -10.68
CA SER A 323 22.47 -5.14 -11.68
C SER A 323 21.01 -5.04 -12.16
N LEU A 324 20.82 -5.61 -13.35
CA LEU A 324 19.49 -5.58 -13.94
C LEU A 324 18.42 -6.16 -13.01
N ALA A 325 18.75 -7.22 -12.29
CA ALA A 325 17.74 -7.76 -11.36
C ALA A 325 17.22 -6.72 -10.39
N GLN A 326 18.05 -5.79 -9.93
CA GLN A 326 17.59 -4.80 -8.98
C GLN A 326 16.57 -3.87 -9.62
N VAL A 327 16.90 -3.36 -10.81
CA VAL A 327 16.03 -2.38 -11.43
C VAL A 327 14.78 -3.02 -12.06
N GLU A 328 14.87 -4.23 -12.60
CA GLU A 328 13.66 -4.92 -13.08
C GLU A 328 12.78 -5.27 -11.88
N GLY A 329 13.39 -5.72 -10.79
CA GLY A 329 12.62 -6.01 -9.59
C GLY A 329 11.84 -4.81 -9.11
N PHE A 330 12.44 -3.63 -9.15
CA PHE A 330 11.78 -2.40 -8.77
C PHE A 330 10.69 -2.00 -9.76
N VAL A 331 11.05 -1.94 -11.01
CA VAL A 331 10.11 -1.49 -12.06
C VAL A 331 8.89 -2.38 -12.11
N ARG A 332 9.07 -3.71 -11.93
CA ARG A 332 7.92 -4.60 -11.97
C ARG A 332 6.87 -4.21 -10.93
N GLN A 333 7.29 -3.72 -9.76
CA GLN A 333 6.30 -3.42 -8.74
C GLN A 333 5.45 -2.22 -9.08
N ILE A 334 6.00 -1.24 -9.82
CA ILE A 334 5.29 0.03 -10.18
C ILE A 334 4.59 -0.05 -11.54
N LEU A 335 5.31 -0.56 -12.54
CA LEU A 335 4.74 -0.72 -13.87
C LEU A 335 3.79 -1.88 -13.94
N GLY A 336 4.10 -2.92 -13.17
CA GLY A 336 3.32 -4.17 -13.16
C GLY A 336 2.30 -4.14 -12.03
N TRP A 337 2.71 -4.48 -10.79
CA TRP A 337 1.74 -4.65 -9.71
C TRP A 337 0.87 -3.41 -9.49
N ARG A 338 1.48 -2.23 -9.37
CA ARG A 338 0.69 -1.05 -9.00
C ARG A 338 -0.36 -0.74 -10.03
N GLU A 339 0.02 -0.74 -11.32
CA GLU A 339 -0.97 -0.47 -12.35
C GLU A 339 -2.00 -1.58 -12.46
N TYR A 340 -1.57 -2.81 -12.22
CA TYR A 340 -2.45 -3.99 -12.30
C TYR A 340 -3.54 -3.93 -11.22
N VAL A 341 -3.14 -3.72 -9.97
CA VAL A 341 -4.14 -3.72 -8.89
C VAL A 341 -5.13 -2.61 -9.08
N ARG A 342 -4.72 -1.45 -9.62
CA ARG A 342 -5.66 -0.38 -9.93
C ARG A 342 -6.68 -0.84 -10.95
N GLY A 343 -6.22 -1.44 -12.04
CA GLY A 343 -7.15 -1.90 -13.06
C GLY A 343 -8.12 -2.93 -12.52
N MET A 344 -7.63 -3.88 -11.75
CA MET A 344 -8.50 -4.94 -11.24
C MET A 344 -9.52 -4.35 -10.27
N TYR A 345 -9.09 -3.37 -9.48
CA TYR A 345 -10.02 -2.73 -8.55
C TYR A 345 -11.15 -2.07 -9.30
N TRP A 346 -10.85 -1.23 -10.29
CA TRP A 346 -11.93 -0.47 -10.91
C TRP A 346 -12.81 -1.34 -11.77
N SER A 347 -12.24 -2.37 -12.40
CA SER A 347 -13.07 -3.27 -13.19
CA SER A 347 -13.09 -3.25 -13.20
C SER A 347 -14.02 -4.07 -12.34
N ASN A 348 -13.65 -4.38 -11.09
CA ASN A 348 -14.42 -5.32 -10.30
C ASN A 348 -15.17 -4.71 -9.11
N MET A 349 -15.00 -3.45 -8.86
CA MET A 349 -15.76 -2.78 -7.79
C MET A 349 -17.15 -2.36 -8.26
N PRO A 350 -18.14 -2.36 -7.37
CA PRO A 350 -18.01 -2.61 -5.94
C PRO A 350 -18.18 -4.06 -5.54
N HIS A 351 -18.48 -4.95 -6.47
CA HIS A 351 -18.68 -6.34 -6.08
C HIS A 351 -17.45 -6.94 -5.40
N TYR A 352 -16.26 -6.50 -5.81
CA TYR A 352 -15.03 -7.09 -5.32
C TYR A 352 -14.96 -7.07 -3.79
N GLN A 353 -15.46 -6.00 -3.17
CA GLN A 353 -15.35 -5.84 -1.75
C GLN A 353 -16.23 -6.81 -0.98
N THR A 354 -17.14 -7.57 -1.64
CA THR A 354 -17.96 -8.59 -1.02
C THR A 354 -17.37 -9.98 -1.09
N ARG A 355 -16.26 -10.16 -1.81
CA ARG A 355 -15.82 -11.53 -2.07
C ARG A 355 -15.19 -12.13 -0.82
N ASN A 356 -15.57 -13.36 -0.49
CA ASN A 356 -15.00 -14.08 0.66
C ASN A 356 -15.02 -15.57 0.29
N HIS A 357 -14.15 -15.88 -0.69
N HIS A 357 -14.21 -15.95 -0.69
CA HIS A 357 -14.10 -17.21 -1.33
CA HIS A 357 -14.38 -17.28 -1.30
C HIS A 357 -14.02 -18.33 -0.32
C HIS A 357 -13.99 -18.41 -0.35
N LEU A 358 -13.16 -18.17 0.69
CA LEU A 358 -12.89 -19.23 1.65
C LEU A 358 -13.79 -19.16 2.87
N GLY A 359 -14.75 -18.25 2.91
CA GLY A 359 -15.68 -18.21 4.01
C GLY A 359 -15.05 -17.85 5.34
N ALA A 360 -14.04 -17.01 5.32
CA ALA A 360 -13.29 -16.64 6.52
C ALA A 360 -14.08 -15.66 7.37
N GLN A 361 -14.24 -15.98 8.66
CA GLN A 361 -15.06 -15.16 9.56
C GLN A 361 -14.44 -14.93 10.93
N ARG A 362 -13.21 -15.35 11.17
CA ARG A 362 -12.67 -15.24 12.50
C ARG A 362 -12.34 -13.78 12.84
N PRO A 363 -12.58 -13.35 14.08
CA PRO A 363 -12.18 -11.98 14.47
C PRO A 363 -10.70 -11.80 14.42
N LEU A 364 -10.28 -10.63 13.95
CA LEU A 364 -8.88 -10.30 13.95
C LEU A 364 -8.37 -10.25 15.40
N PRO A 365 -7.28 -10.95 15.74
CA PRO A 365 -6.86 -10.96 17.15
C PRO A 365 -6.47 -9.58 17.67
N SER A 366 -6.64 -9.42 18.96
CA SER A 366 -6.47 -8.09 19.56
C SER A 366 -5.04 -7.57 19.49
N TYR A 367 -4.04 -8.45 19.41
CA TYR A 367 -2.68 -7.96 19.35
C TYR A 367 -2.33 -7.34 18.00
N PHE A 368 -3.24 -7.36 17.02
CA PHE A 368 -2.98 -6.56 15.84
C PHE A 368 -3.00 -5.07 16.17
N TRP A 369 -3.54 -4.68 17.32
CA TRP A 369 -3.63 -3.27 17.67
C TRP A 369 -2.59 -2.87 18.71
N ASN A 370 -1.77 -3.80 19.19
CA ASN A 370 -0.77 -3.44 20.19
C ASN A 370 0.55 -4.19 20.08
N GLY A 371 0.67 -5.20 19.21
CA GLY A 371 1.93 -5.91 19.06
C GLY A 371 2.25 -6.93 20.13
N GLN A 372 1.31 -7.22 21.03
CA GLN A 372 1.58 -8.10 22.17
C GLN A 372 1.30 -9.56 21.80
N THR A 373 2.23 -10.10 21.03
CA THR A 373 2.21 -11.52 20.66
C THR A 373 3.59 -12.11 20.87
N LYS A 374 3.64 -13.39 21.20
CA LYS A 374 4.90 -14.12 21.35
C LYS A 374 5.45 -14.67 20.04
N MET A 375 4.72 -14.53 18.93
CA MET A 375 5.27 -14.90 17.62
C MET A 375 6.17 -13.74 17.21
N ARG A 376 7.47 -13.99 17.12
CA ARG A 376 8.40 -12.88 16.88
CA ARG A 376 8.40 -12.88 16.88
C ARG A 376 8.13 -12.19 15.55
N CYS A 377 7.88 -12.96 14.48
CA CYS A 377 7.58 -12.41 13.17
C CYS A 377 6.42 -11.42 13.22
N LEU A 378 5.27 -11.88 13.76
CA LEU A 378 4.09 -11.04 13.89
C LEU A 378 4.37 -9.86 14.79
N GLN A 379 5.09 -10.07 15.88
CA GLN A 379 5.43 -8.97 16.79
C GLN A 379 6.24 -7.89 16.09
N GLN A 380 7.23 -8.27 15.30
CA GLN A 380 8.03 -7.27 14.57
C GLN A 380 7.18 -6.52 13.57
N ALA A 381 6.41 -7.25 12.75
CA ALA A 381 5.62 -6.56 11.71
C ALA A 381 4.54 -5.65 12.31
N ILE A 382 3.82 -6.11 13.34
CA ILE A 382 2.77 -5.29 13.93
C ILE A 382 3.38 -4.09 14.60
N THR A 383 4.43 -4.29 15.40
CA THR A 383 5.02 -3.18 16.14
CA THR A 383 5.00 -3.17 16.15
C THR A 383 5.53 -2.11 15.20
N GLN A 384 6.20 -2.50 14.09
CA GLN A 384 6.68 -1.50 13.17
CA GLN A 384 6.68 -1.46 13.20
C GLN A 384 5.52 -0.75 12.53
N SER A 385 4.42 -1.47 12.23
CA SER A 385 3.25 -0.83 11.66
C SER A 385 2.69 0.23 12.61
N LEU A 386 2.61 -0.14 13.90
CA LEU A 386 2.12 0.82 14.85
C LEU A 386 3.07 1.99 15.04
N ASP A 387 4.37 1.75 15.08
CA ASP A 387 5.32 2.80 15.41
C ASP A 387 5.73 3.67 14.21
N PHE A 388 5.65 3.14 12.99
CA PHE A 388 6.07 3.84 11.77
C PHE A 388 4.97 4.07 10.77
N GLY A 389 3.82 3.40 10.84
CA GLY A 389 2.85 3.49 9.79
C GLY A 389 3.21 2.80 8.52
N TYR A 390 4.13 1.84 8.62
CA TYR A 390 4.77 1.24 7.44
C TYR A 390 5.32 -0.13 7.81
N ALA A 391 5.08 -1.07 6.91
CA ALA A 391 5.73 -2.39 6.88
C ALA A 391 6.08 -2.63 5.43
N HIS A 392 7.20 -3.28 5.18
CA HIS A 392 7.58 -3.52 3.80
C HIS A 392 6.83 -4.73 3.28
N HIS A 393 6.89 -4.94 1.97
CA HIS A 393 5.93 -5.79 1.28
C HIS A 393 5.91 -7.22 1.81
N ILE A 394 7.07 -7.82 2.01
CA ILE A 394 7.08 -9.23 2.45
C ILE A 394 6.49 -9.38 3.85
N GLN A 395 6.55 -8.34 4.68
CA GLN A 395 5.84 -8.35 5.97
C GLN A 395 4.33 -8.33 5.75
N ARG A 396 3.87 -7.42 4.90
CA ARG A 396 2.43 -7.32 4.65
C ARG A 396 1.90 -8.61 4.07
N LEU A 397 2.66 -9.27 3.21
CA LEU A 397 2.19 -10.48 2.52
C LEU A 397 2.45 -11.74 3.35
N MET A 398 3.71 -11.99 3.73
CA MET A 398 4.06 -13.28 4.28
C MET A 398 4.11 -13.34 5.79
N VAL A 399 3.95 -12.21 6.49
CA VAL A 399 3.89 -12.22 7.96
C VAL A 399 2.45 -12.00 8.38
N THR A 400 1.94 -10.76 8.34
CA THR A 400 0.57 -10.54 8.77
C THR A 400 -0.45 -11.10 7.79
N GLY A 401 -0.15 -11.03 6.49
CA GLY A 401 -1.11 -11.53 5.50
C GLY A 401 -1.29 -13.04 5.58
N ASN A 402 -0.20 -13.77 5.54
CA ASN A 402 -0.22 -15.22 5.70
C ASN A 402 -0.88 -15.61 7.00
N PHE A 403 -0.55 -14.91 8.09
CA PHE A 403 -1.19 -15.27 9.37
C PHE A 403 -2.70 -15.14 9.27
N ALA A 404 -3.17 -14.02 8.69
CA ALA A 404 -4.62 -13.81 8.58
C ALA A 404 -5.29 -14.77 7.62
N LEU A 405 -4.57 -15.19 6.60
CA LEU A 405 -5.04 -16.24 5.69
C LEU A 405 -5.20 -17.58 6.41
N LEU A 406 -4.14 -18.04 7.10
CA LEU A 406 -4.17 -19.36 7.71
C LEU A 406 -5.14 -19.43 8.86
N THR A 407 -5.35 -18.32 9.57
CA THR A 407 -6.26 -18.31 10.70
C THR A 407 -7.67 -17.91 10.28
N GLU A 408 -7.90 -17.70 8.99
CA GLU A 408 -9.26 -17.48 8.47
C GLU A 408 -9.89 -16.22 9.08
N CYS A 409 -9.11 -15.17 9.24
CA CYS A 409 -9.64 -13.88 9.72
C CYS A 409 -10.61 -13.25 8.71
N ASP A 410 -11.70 -12.74 9.25
CA ASP A 410 -12.74 -11.99 8.52
C ASP A 410 -12.11 -10.93 7.60
N PRO A 411 -12.27 -11.04 6.28
CA PRO A 411 -11.62 -10.07 5.41
C PRO A 411 -12.04 -8.61 5.66
N ASP A 412 -13.28 -8.41 6.10
CA ASP A 412 -13.69 -7.01 6.41
C ASP A 412 -12.81 -6.42 7.50
N GLN A 413 -12.49 -7.22 8.51
CA GLN A 413 -11.69 -6.74 9.63
C GLN A 413 -10.25 -6.59 9.24
N VAL A 414 -9.74 -7.50 8.38
CA VAL A 414 -8.39 -7.40 7.90
C VAL A 414 -8.23 -6.15 7.03
N ASP A 415 -9.18 -5.92 6.12
CA ASP A 415 -9.14 -4.72 5.29
C ASP A 415 -9.10 -3.46 6.16
N ALA A 416 -9.90 -3.43 7.23
CA ALA A 416 -9.94 -2.20 8.04
C ALA A 416 -8.57 -1.93 8.69
N TRP A 417 -7.88 -3.00 9.09
CA TRP A 417 -6.56 -2.85 9.68
C TRP A 417 -5.55 -2.35 8.67
N TYR A 418 -5.43 -3.03 7.52
CA TYR A 418 -4.46 -2.60 6.52
C TYR A 418 -4.77 -1.20 6.00
N LEU A 419 -6.05 -0.94 5.71
CA LEU A 419 -6.39 0.37 5.09
C LEU A 419 -6.13 1.48 6.07
N GLY A 420 -6.34 1.25 7.38
CA GLY A 420 -6.07 2.30 8.33
C GLY A 420 -4.61 2.47 8.73
N ILE A 421 -3.91 1.38 9.01
CA ILE A 421 -2.64 1.47 9.71
C ILE A 421 -1.49 1.92 8.81
N TYR A 422 -1.59 1.75 7.50
CA TYR A 422 -0.46 2.08 6.64
C TYR A 422 -0.67 3.46 5.99
N ILE A 423 0.35 4.30 6.11
CA ILE A 423 0.31 5.67 5.60
C ILE A 423 0.02 5.70 4.12
N ASP A 424 0.50 4.67 3.38
CA ASP A 424 0.29 4.60 1.93
C ASP A 424 -1.00 3.94 1.51
N ALA A 425 -1.92 3.66 2.44
CA ALA A 425 -3.07 2.85 2.08
C ALA A 425 -4.25 3.72 1.60
N ILE A 426 -4.64 3.50 0.34
CA ILE A 426 -5.84 4.03 -0.30
C ILE A 426 -6.50 2.79 -0.89
N GLU A 427 -7.85 2.77 -0.94
CA GLU A 427 -8.50 1.47 -1.15
C GLU A 427 -8.11 0.82 -2.48
N TRP A 428 -7.89 1.58 -3.54
CA TRP A 428 -7.65 1.01 -4.86
C TRP A 428 -6.45 0.07 -4.82
N VAL A 429 -5.48 0.34 -3.95
CA VAL A 429 -4.29 -0.51 -3.84
C VAL A 429 -4.36 -1.43 -2.62
N GLU A 430 -4.93 -0.99 -1.50
CA GLU A 430 -5.06 -1.87 -0.34
C GLU A 430 -5.93 -3.07 -0.64
N LEU A 431 -7.07 -2.85 -1.29
CA LEU A 431 -8.07 -3.91 -1.31
C LEU A 431 -7.64 -5.08 -2.18
N PRO A 432 -7.12 -4.90 -3.39
CA PRO A 432 -6.72 -6.10 -4.17
C PRO A 432 -5.55 -6.81 -3.55
N ASN A 433 -4.63 -6.07 -2.95
CA ASN A 433 -3.49 -6.70 -2.28
C ASN A 433 -3.89 -7.48 -1.06
N THR A 434 -4.86 -6.98 -0.29
CA THR A 434 -5.20 -7.60 0.98
C THR A 434 -6.23 -8.69 0.77
N ARG A 435 -7.42 -8.32 0.25
CA ARG A 435 -8.48 -9.29 0.07
C ARG A 435 -8.10 -10.31 -0.98
N GLY A 436 -7.34 -9.90 -2.00
CA GLY A 436 -6.92 -10.79 -3.08
C GLY A 436 -5.62 -11.48 -2.80
N MET A 437 -4.51 -10.78 -2.94
CA MET A 437 -3.21 -11.43 -2.87
C MET A 437 -2.98 -12.14 -1.54
N ALA A 438 -3.21 -11.46 -0.40
CA ALA A 438 -2.89 -12.06 0.88
C ALA A 438 -3.96 -13.04 1.36
N LEU A 439 -5.26 -12.69 1.27
CA LEU A 439 -6.28 -13.55 1.88
C LEU A 439 -6.87 -14.56 0.92
N PHE A 440 -6.57 -14.48 -0.38
CA PHE A 440 -7.16 -15.42 -1.37
C PHE A 440 -8.68 -15.37 -1.32
N ALA A 441 -9.24 -14.28 -0.87
CA ALA A 441 -10.69 -14.20 -0.71
C ALA A 441 -11.43 -13.94 -2.01
N ASP A 442 -10.69 -13.66 -3.11
CA ASP A 442 -11.26 -13.57 -4.45
C ASP A 442 -11.05 -14.85 -5.22
N GLY A 443 -10.58 -15.90 -4.56
CA GLY A 443 -10.37 -17.19 -5.18
C GLY A 443 -9.27 -17.20 -6.22
N GLY A 444 -8.41 -16.22 -6.21
CA GLY A 444 -7.27 -16.15 -7.12
C GLY A 444 -7.39 -15.13 -8.23
N LEU A 445 -8.41 -14.27 -8.22
CA LEU A 445 -8.55 -13.30 -9.30
C LEU A 445 -7.28 -12.46 -9.41
N ILE A 446 -6.71 -12.06 -8.28
CA ILE A 446 -5.62 -11.06 -8.32
C ILE A 446 -4.30 -11.73 -8.48
N ALA A 447 -4.08 -12.89 -7.82
CA ALA A 447 -2.74 -13.40 -7.73
C ALA A 447 -2.67 -14.92 -7.78
N THR A 448 -3.74 -15.62 -8.19
CA THR A 448 -3.74 -16.96 -8.71
C THR A 448 -3.75 -18.08 -7.69
N LYS A 449 -2.80 -18.07 -6.75
CA LYS A 449 -2.57 -19.14 -5.79
C LYS A 449 -2.56 -18.50 -4.40
N PRO A 450 -2.85 -19.28 -3.34
CA PRO A 450 -2.68 -18.69 -2.00
C PRO A 450 -1.22 -18.55 -1.66
N TYR A 451 -0.89 -17.47 -0.98
CA TYR A 451 0.46 -17.23 -0.49
C TYR A 451 0.63 -17.78 0.91
N SER A 452 0.19 -19.01 1.09
CA SER A 452 0.31 -19.69 2.37
C SER A 452 1.76 -20.18 2.57
N ALA A 453 2.22 -20.10 3.80
CA ALA A 453 3.56 -20.63 4.12
C ALA A 453 3.61 -21.06 5.58
N SER A 454 4.52 -21.99 5.86
CA SER A 454 4.80 -22.39 7.21
C SER A 454 5.94 -21.55 7.77
N GLY A 455 6.34 -21.89 8.99
CA GLY A 455 7.48 -21.20 9.59
C GLY A 455 8.78 -21.44 8.84
N SER A 456 8.85 -22.49 8.04
CA SER A 456 10.11 -22.74 7.33
C SER A 456 10.39 -21.57 6.34
N TYR A 457 9.36 -20.96 5.79
CA TYR A 457 9.55 -19.81 4.91
C TYR A 457 10.11 -18.63 5.68
N ILE A 458 9.53 -18.31 6.81
CA ILE A 458 10.03 -17.21 7.64
C ILE A 458 11.46 -17.45 8.06
N ASN A 459 11.76 -18.69 8.47
CA ASN A 459 13.15 -18.99 8.89
C ASN A 459 14.13 -18.84 7.74
N LYS A 460 13.70 -19.19 6.51
CA LYS A 460 14.56 -19.10 5.36
C LYS A 460 14.87 -17.63 5.00
N MET A 461 13.92 -16.74 5.18
CA MET A 461 14.03 -15.36 4.68
C MET A 461 14.37 -14.38 5.79
N SER A 462 14.37 -14.79 7.07
CA SER A 462 14.52 -13.87 8.18
C SER A 462 15.37 -14.50 9.27
N ASP A 463 15.72 -13.69 10.28
CA ASP A 463 16.32 -14.15 11.51
C ASP A 463 15.31 -14.10 12.66
N TYR A 464 14.02 -14.03 12.33
CA TYR A 464 13.03 -13.89 13.40
C TYR A 464 13.00 -15.13 14.29
N CYS A 465 13.16 -16.32 13.72
CA CYS A 465 12.95 -17.54 14.50
C CYS A 465 14.05 -17.75 15.50
N ALA A 466 15.23 -17.11 15.30
CA ALA A 466 16.30 -17.18 16.30
C ALA A 466 16.04 -16.30 17.51
N SER A 467 15.06 -15.40 17.46
CA SER A 467 14.72 -14.56 18.58
C SER A 467 13.29 -14.79 19.05
N CYS A 468 12.78 -16.00 18.81
CA CYS A 468 11.36 -16.32 19.06
C CYS A 468 11.19 -17.28 20.23
N ALA A 469 10.07 -17.13 20.92
CA ALA A 469 9.67 -18.05 21.97
C ALA A 469 9.31 -19.44 21.45
N TYR A 470 8.90 -19.55 20.19
CA TYR A 470 8.53 -20.83 19.59
C TYR A 470 9.72 -21.46 18.86
N GLN A 471 9.60 -22.76 18.56
CA GLN A 471 10.63 -23.53 17.87
CA GLN A 471 10.64 -23.52 17.87
C GLN A 471 10.20 -23.81 16.43
N VAL A 472 10.84 -23.16 15.45
CA VAL A 472 10.45 -23.36 14.05
C VAL A 472 10.72 -24.77 13.54
N LYS A 473 11.59 -25.52 14.18
CA LYS A 473 11.86 -26.89 13.73
C LYS A 473 10.83 -27.91 14.21
N LEU A 474 9.86 -27.49 15.01
CA LEU A 474 8.82 -28.38 15.52
C LEU A 474 7.51 -28.06 14.84
N LYS A 475 6.80 -29.11 14.38
CA LYS A 475 5.50 -28.92 13.72
C LYS A 475 4.34 -29.08 14.68
N SER A 476 4.49 -29.92 15.70
CA SER A 476 3.39 -30.21 16.60
C SER A 476 3.87 -30.12 18.03
N GLY A 477 2.89 -29.99 18.92
CA GLY A 477 3.15 -30.05 20.32
C GLY A 477 3.58 -28.73 20.93
N GLU A 478 3.96 -28.87 22.18
CA GLU A 478 4.37 -27.74 22.99
C GLU A 478 5.55 -27.02 22.35
N LYS A 479 5.43 -25.73 22.28
CA LYS A 479 6.44 -24.80 21.74
C LYS A 479 6.61 -24.83 20.23
N ALA A 480 5.86 -25.63 19.49
CA ALA A 480 5.97 -25.60 18.03
C ALA A 480 5.54 -24.26 17.47
N CYS A 481 6.26 -23.80 16.45
CA CYS A 481 5.87 -22.61 15.67
C CYS A 481 4.41 -22.75 15.22
N PRO A 482 3.52 -21.81 15.58
CA PRO A 482 2.12 -21.98 15.18
C PRO A 482 1.94 -22.02 13.66
N LEU A 483 2.77 -21.31 12.90
CA LEU A 483 2.59 -21.35 11.44
C LEU A 483 2.75 -22.76 10.89
N ASN A 484 3.58 -23.60 11.53
CA ASN A 484 3.81 -24.92 10.92
C ASN A 484 2.53 -25.76 10.89
N SER A 485 1.75 -25.78 11.97
CA SER A 485 0.54 -26.57 11.95
C SER A 485 -0.61 -25.81 11.29
N LEU A 486 -0.68 -24.49 11.49
CA LEU A 486 -1.76 -23.76 10.83
C LEU A 486 -1.64 -23.88 9.32
N TYR A 487 -0.40 -23.92 8.81
CA TYR A 487 -0.21 -24.12 7.38
C TYR A 487 -0.83 -25.38 6.90
N TRP A 488 -0.52 -26.52 7.55
CA TRP A 488 -1.08 -27.77 7.06
C TRP A 488 -2.59 -27.84 7.23
N ARG A 489 -3.11 -27.34 8.36
CA ARG A 489 -4.55 -27.36 8.52
C ARG A 489 -5.24 -26.60 7.38
N PHE A 490 -4.70 -25.41 7.02
CA PHE A 490 -5.26 -24.65 5.91
C PHE A 490 -5.17 -25.43 4.60
N MET A 491 -4.00 -25.95 4.28
CA MET A 491 -3.84 -26.59 2.98
C MET A 491 -4.69 -27.84 2.87
N LEU A 492 -4.81 -28.59 3.98
CA LEU A 492 -5.67 -29.78 3.93
C LEU A 492 -7.13 -29.41 3.81
N LYS A 493 -7.56 -28.34 4.49
CA LYS A 493 -8.95 -27.91 4.42
C LYS A 493 -9.35 -27.60 2.98
N HIS A 494 -8.43 -27.06 2.18
CA HIS A 494 -8.67 -26.63 0.81
C HIS A 494 -8.03 -27.54 -0.22
N ARG A 495 -7.73 -28.77 0.14
CA ARG A 495 -7.02 -29.65 -0.78
C ARG A 495 -7.77 -29.81 -2.11
N ASP A 496 -9.09 -29.97 -2.07
CA ASP A 496 -9.82 -30.21 -3.31
C ASP A 496 -9.77 -28.98 -4.23
N ARG A 497 -9.92 -27.76 -3.65
CA ARG A 497 -9.76 -26.55 -4.44
C ARG A 497 -8.38 -26.46 -5.07
N LEU A 498 -7.34 -26.79 -4.30
CA LEU A 498 -5.98 -26.40 -4.65
C LEU A 498 -5.17 -27.50 -5.34
N ALA A 499 -5.52 -28.76 -5.18
CA ALA A 499 -4.73 -29.84 -5.76
C ALA A 499 -4.77 -29.87 -7.29
N ASN A 500 -5.70 -29.14 -7.92
CA ASN A 500 -5.73 -29.11 -9.38
C ASN A 500 -4.49 -28.43 -9.94
N ASN A 501 -4.02 -27.35 -9.33
CA ASN A 501 -2.71 -26.81 -9.68
C ASN A 501 -1.64 -27.88 -9.43
N PRO A 502 -0.77 -28.17 -10.40
CA PRO A 502 0.10 -29.35 -10.26
C PRO A 502 1.31 -29.15 -9.36
N ARG A 503 1.86 -27.94 -9.31
CA ARG A 503 3.04 -27.68 -8.49
C ARG A 503 2.70 -27.81 -7.01
N ILE A 504 1.52 -27.34 -6.61
CA ILE A 504 1.12 -27.44 -5.22
C ILE A 504 0.78 -28.88 -4.85
N GLY A 505 0.20 -29.63 -5.78
CA GLY A 505 -0.03 -31.04 -5.51
C GLY A 505 1.17 -31.73 -4.92
N MET A 506 2.37 -31.33 -5.35
CA MET A 506 3.59 -31.87 -4.76
C MET A 506 3.59 -31.69 -3.24
N LEU A 507 3.10 -30.53 -2.77
CA LEU A 507 3.09 -30.26 -1.34
C LEU A 507 2.28 -31.31 -0.60
N TYR A 508 1.21 -31.78 -1.20
CA TYR A 508 0.39 -32.75 -0.53
C TYR A 508 1.04 -34.12 -0.48
N LYS A 509 2.20 -34.29 -1.13
CA LYS A 509 2.99 -35.51 -0.96
C LYS A 509 3.79 -35.46 0.34
N THR A 510 4.48 -34.35 0.59
CA THR A 510 5.12 -34.08 1.87
C THR A 510 4.17 -34.48 3.00
N TRP A 511 2.89 -34.13 2.86
CA TRP A 511 1.91 -34.46 3.88
C TRP A 511 1.56 -35.93 3.84
N ASP A 512 1.20 -36.44 2.66
CA ASP A 512 0.73 -37.81 2.55
C ASP A 512 1.81 -38.81 2.95
N LYS A 513 3.06 -38.39 3.05
CA LYS A 513 4.13 -39.28 3.46
C LYS A 513 4.24 -39.41 4.97
N MET A 514 3.56 -38.55 5.71
CA MET A 514 3.66 -38.57 7.17
C MET A 514 2.78 -39.69 7.74
N THR A 515 3.14 -40.12 8.94
CA THR A 515 2.32 -41.12 9.63
C THR A 515 0.97 -40.52 10.03
N SER A 516 0.00 -41.41 10.24
CA SER A 516 -1.27 -41.01 10.81
C SER A 516 -1.06 -40.26 12.12
N ASP A 517 -0.19 -40.80 12.98
CA ASP A 517 0.03 -40.17 14.28
C ASP A 517 0.57 -38.76 14.12
N SER A 518 1.56 -38.58 13.23
CA SER A 518 2.16 -37.27 13.04
C SER A 518 1.17 -36.30 12.41
N GLN A 519 0.43 -36.74 11.37
CA GLN A 519 -0.60 -35.90 10.79
C GLN A 519 -1.60 -35.44 11.84
N GLN A 520 -2.02 -36.37 12.69
CA GLN A 520 -3.01 -36.03 13.70
C GLN A 520 -2.42 -35.09 14.74
N ALA A 521 -1.16 -35.31 15.16
CA ALA A 521 -0.56 -34.39 16.12
C ALA A 521 -0.51 -32.97 15.57
N ILE A 522 -0.24 -32.84 14.27
CA ILE A 522 -0.16 -31.52 13.66
C ILE A 522 -1.52 -30.86 13.64
N LEU A 523 -2.56 -31.60 13.20
CA LEU A 523 -3.89 -30.99 13.10
C LEU A 523 -4.44 -30.66 14.48
N SER A 524 -4.11 -31.48 15.47
CA SER A 524 -4.51 -31.23 16.85
C SER A 524 -3.83 -29.98 17.39
N THR A 525 -2.54 -29.83 17.09
CA THR A 525 -1.82 -28.61 17.50
C THR A 525 -2.44 -27.36 16.85
N ALA A 526 -2.77 -27.45 15.55
CA ALA A 526 -3.38 -26.30 14.89
C ALA A 526 -4.68 -25.91 15.56
N ASP A 527 -5.56 -26.88 15.87
CA ASP A 527 -6.83 -26.55 16.49
C ASP A 527 -6.64 -25.93 17.86
N ALA A 528 -5.66 -26.43 18.61
CA ALA A 528 -5.36 -25.87 19.94
C ALA A 528 -4.88 -24.42 19.83
N TYR A 529 -4.01 -24.15 18.86
CA TYR A 529 -3.54 -22.77 18.69
C TYR A 529 -4.67 -21.85 18.26
N LEU A 530 -5.59 -22.33 17.42
CA LEU A 530 -6.72 -21.49 17.03
C LEU A 530 -7.64 -21.23 18.20
N SER A 531 -7.89 -22.25 19.02
CA SER A 531 -8.76 -22.04 20.18
C SER A 531 -8.15 -21.04 21.15
N GLN A 532 -6.82 -20.93 21.17
CA GLN A 532 -6.08 -20.01 22.04
C GLN A 532 -5.45 -18.86 21.24
N ILE A 533 -6.10 -18.45 20.15
CA ILE A 533 -5.43 -17.56 19.22
C ILE A 533 -5.07 -16.23 19.88
N GLU A 534 -5.84 -15.82 20.91
CA GLU A 534 -5.48 -14.55 21.56
C GLU A 534 -4.18 -14.62 22.35
N SER A 535 -3.68 -15.81 22.63
CA SER A 535 -2.55 -16.02 23.50
C SER A 535 -1.27 -16.28 22.73
N LEU A 536 -1.33 -16.32 21.39
CA LEU A 536 -0.14 -16.70 20.63
C LEU A 536 0.97 -15.70 20.77
#